data_3B2S
#
_entry.id   3B2S
#
_cell.length_a   123.006
_cell.length_b   123.006
_cell.length_c   81.388
_cell.angle_alpha   90.00
_cell.angle_beta   90.00
_cell.angle_gamma   90.00
#
_symmetry.space_group_name_H-M   'P 4 21 2'
#
loop_
_entity.id
_entity.type
_entity.pdbx_description
1 polymer 'Trichothecene 3-O-acetyltransferase'
2 non-polymer 'MAGNESIUM ION'
3 non-polymer 'SODIUM ION'
4 non-polymer 'COENZYME A'
5 non-polymer (3alpha,7alpha)-3,7,15-trihydroxy-12,13-epoxytrichothec-9-en-8-one
6 non-polymer '3[N-MORPHOLINO]PROPANE SULFONIC ACID'
7 water water
#
_entity_poly.entity_id   1
_entity_poly.type   'polypeptide(L)'
_entity_poly.pdbx_seq_one_letter_code
;MAFKIQLDTLGQLPGLLSIYTQISLLYPVSDSSQYPTIVSTFEQGLKRFSEAVPWVAGQVKAEGISEGNTGTSFIVPFED
VPRVVVKDLRDDPSAPTIEGMRKAGYPMAMFDENIIAPRKTLPIGPGTGPDDPKPVILLQLNFIKGGLILTVNGQHGAMD
MVGQDAVIRLLSKACRNDPFTEEEMTAMNLDRKTIVPYLENYTIGPEVDHQIVKADVAGGDAVLTPVSASWAFFTFSPKA
MSELKDAATKTLDASTKFVSTDDALSAFIWKSASRVRLERIDGSAPTEFCRAVDARPAMGVSNNYPGLLQNMTYHNSTIG
EIANESLGATASRLRSELDPASMRQRTRGLATYLHNNPDKSNVSLTADADPSTSVMLSSWAKVGLWDYDFGLGLGKPETV
RRPIFEPVESLMYFMPKKPDGEFCAALSLRDEDMDRLKADKEWTKYAQYVG
;
_entity_poly.pdbx_strand_id   A
#
loop_
_chem_comp.id
_chem_comp.type
_chem_comp.name
_chem_comp.formula
B2S non-polymer (3alpha,7alpha)-3,7,15-trihydroxy-12,13-epoxytrichothec-9-en-8-one 'C15 H20 O6'
COA non-polymer 'COENZYME A' 'C21 H36 N7 O16 P3 S'
MG non-polymer 'MAGNESIUM ION' 'Mg 2'
MPO non-polymer '3[N-MORPHOLINO]PROPANE SULFONIC ACID' 'C7 H15 N O4 S'
NA non-polymer 'SODIUM ION' 'Na 1'
#
# COMPACT_ATOMS: atom_id res chain seq x y z
N ALA A 2 -13.99 26.75 1.71
CA ALA A 2 -13.76 26.00 2.98
C ALA A 2 -14.46 24.65 3.08
N PHE A 3 -13.80 23.77 3.79
CA PHE A 3 -14.23 22.39 3.89
C PHE A 3 -13.70 21.87 5.20
N LYS A 4 -14.47 20.98 5.79
CA LYS A 4 -14.07 20.33 7.04
C LYS A 4 -14.62 18.94 6.96
N ILE A 5 -13.83 18.07 6.34
CA ILE A 5 -14.26 16.72 6.00
C ILE A 5 -13.67 15.75 7.02
N GLN A 6 -14.53 15.24 7.89
CA GLN A 6 -14.09 14.24 8.87
C GLN A 6 -13.54 13.04 8.12
N LEU A 7 -12.37 12.55 8.53
CA LEU A 7 -11.84 11.34 7.91
C LEU A 7 -12.80 10.18 8.12
N ASP A 8 -12.69 9.19 7.24
CA ASP A 8 -13.27 7.86 7.48
C ASP A 8 -12.94 7.46 8.91
N THR A 9 -13.91 6.86 9.60
CA THR A 9 -13.66 6.32 10.96
C THR A 9 -12.44 5.37 10.98
N LEU A 10 -12.35 4.51 9.96
CA LEU A 10 -11.17 3.65 9.78
C LEU A 10 -9.88 4.43 9.63
N GLY A 11 -9.96 5.66 9.08
CA GLY A 11 -8.79 6.49 8.89
C GLY A 11 -8.34 7.19 10.19
N GLN A 12 -9.09 6.99 11.26
CA GLN A 12 -8.73 7.50 12.58
C GLN A 12 -7.78 6.51 13.31
N LEU A 13 -7.45 5.39 12.66
CA LEU A 13 -6.44 4.45 13.20
C LEU A 13 -5.10 5.17 13.36
N PRO A 14 -4.53 5.13 14.59
CA PRO A 14 -3.27 5.83 14.86
C PRO A 14 -2.14 5.48 13.91
N GLY A 15 -2.10 4.21 13.49
CA GLY A 15 -1.06 3.72 12.57
C GLY A 15 -1.19 4.26 11.16
N LEU A 16 -2.40 4.67 10.78
CA LEU A 16 -2.66 5.27 9.46
C LEU A 16 -2.47 6.79 9.46
N LEU A 17 -2.92 7.44 10.52
CA LEU A 17 -2.73 8.89 10.68
C LEU A 17 -1.29 9.38 10.69
N SER A 18 -0.35 8.46 10.91
CA SER A 18 1.05 8.86 11.11
C SER A 18 1.95 8.62 9.89
N ILE A 19 1.41 8.01 8.85
CA ILE A 19 2.27 7.58 7.75
C ILE A 19 1.81 8.13 6.37
N TYR A 20 2.76 8.18 5.43
CA TYR A 20 2.48 8.48 4.02
C TYR A 20 2.74 7.27 3.15
N THR A 21 1.80 6.96 2.27
CA THR A 21 2.00 5.95 1.23
C THR A 21 2.67 6.60 0.02
N GLN A 22 3.78 6.03 -0.45
CA GLN A 22 4.52 6.61 -1.57
C GLN A 22 4.44 5.67 -2.76
N ILE A 23 4.37 6.23 -3.96
CA ILE A 23 4.51 5.42 -5.18
C ILE A 23 5.25 6.25 -6.23
N SER A 24 6.13 5.61 -7.00
CA SER A 24 6.89 6.30 -8.03
C SER A 24 6.58 5.74 -9.40
N LEU A 25 6.48 6.64 -10.37
CA LEU A 25 6.28 6.29 -11.77
C LEU A 25 7.46 6.81 -12.58
N LEU A 26 8.10 5.91 -13.32
CA LEU A 26 9.23 6.28 -14.18
C LEU A 26 8.82 6.42 -15.64
N TYR A 27 9.22 7.52 -16.26
CA TYR A 27 9.04 7.73 -17.69
C TYR A 27 10.38 8.10 -18.32
N PRO A 28 10.62 7.61 -19.57
CA PRO A 28 11.79 8.04 -20.33
C PRO A 28 11.53 9.44 -20.84
N VAL A 29 12.60 10.23 -20.93
CA VAL A 29 12.51 11.57 -21.48
C VAL A 29 13.63 11.66 -22.51
N SER A 30 13.22 11.83 -23.75
CA SER A 30 14.12 11.78 -24.88
C SER A 30 15.13 12.96 -24.94
N ASP A 31 14.68 14.12 -24.51
CA ASP A 31 15.45 15.35 -24.64
C ASP A 31 15.16 16.25 -23.46
N SER A 32 16.23 16.80 -22.86
CA SER A 32 16.08 17.73 -21.73
C SER A 32 15.28 18.98 -22.11
N SER A 33 15.12 19.26 -23.41
CA SER A 33 14.27 20.40 -23.81
C SER A 33 12.82 20.21 -23.35
N GLN A 34 12.44 18.98 -23.02
CA GLN A 34 11.05 18.70 -22.67
C GLN A 34 10.65 19.08 -21.23
N TYR A 35 11.64 19.30 -20.36
CA TYR A 35 11.32 19.43 -18.94
C TYR A 35 10.44 20.62 -18.57
N PRO A 36 10.69 21.82 -19.15
CA PRO A 36 9.79 22.94 -18.76
C PRO A 36 8.31 22.70 -19.04
N THR A 37 8.01 22.08 -20.18
CA THR A 37 6.61 21.73 -20.51
C THR A 37 6.04 20.66 -19.59
N ILE A 38 6.87 19.69 -19.25
CA ILE A 38 6.46 18.67 -18.26
C ILE A 38 5.98 19.35 -16.98
N VAL A 39 6.79 20.26 -16.46
CA VAL A 39 6.47 20.99 -15.25
C VAL A 39 5.22 21.87 -15.40
N SER A 40 5.13 22.64 -16.48
CA SER A 40 3.94 23.51 -16.60
C SER A 40 2.64 22.70 -16.77
N THR A 41 2.72 21.58 -17.51
CA THR A 41 1.56 20.72 -17.71
C THR A 41 1.07 20.17 -16.35
N PHE A 42 2.02 19.73 -15.54
CA PHE A 42 1.73 19.21 -14.23
C PHE A 42 1.15 20.29 -13.30
N GLU A 43 1.74 21.49 -13.32
CA GLU A 43 1.23 22.56 -12.47
C GLU A 43 -0.18 23.00 -12.87
N GLN A 44 -0.43 23.08 -14.17
CA GLN A 44 -1.76 23.42 -14.65
C GLN A 44 -2.78 22.33 -14.29
N GLY A 45 -2.37 21.06 -14.39
CA GLY A 45 -3.24 19.94 -13.99
C GLY A 45 -3.58 20.01 -12.50
N LEU A 46 -2.58 20.30 -11.67
CA LEU A 46 -2.82 20.42 -10.22
C LEU A 46 -3.78 21.57 -9.89
N LYS A 47 -3.65 22.67 -10.65
CA LYS A 47 -4.52 23.83 -10.45
C LYS A 47 -5.97 23.50 -10.84
N ARG A 48 -6.15 22.92 -12.03
CA ARG A 48 -7.47 22.50 -12.51
C ARG A 48 -8.14 21.50 -11.58
N PHE A 49 -7.37 20.54 -11.10
CA PHE A 49 -7.88 19.55 -10.15
C PHE A 49 -8.36 20.22 -8.88
N SER A 50 -7.51 21.08 -8.31
CA SER A 50 -7.86 21.82 -7.08
C SER A 50 -9.08 22.71 -7.27
N GLU A 51 -9.23 23.33 -8.43
CA GLU A 51 -10.46 24.10 -8.71
C GLU A 51 -11.75 23.25 -8.68
N ALA A 52 -11.69 22.06 -9.28
CA ALA A 52 -12.82 21.13 -9.31
C ALA A 52 -13.12 20.49 -7.96
N VAL A 53 -12.06 20.12 -7.24
CA VAL A 53 -12.17 19.40 -5.97
C VAL A 53 -11.21 20.03 -4.97
N PRO A 54 -11.62 21.16 -4.35
CA PRO A 54 -10.69 21.91 -3.48
C PRO A 54 -10.02 21.11 -2.35
N TRP A 55 -10.67 20.10 -1.79
CA TRP A 55 -10.07 19.40 -0.65
C TRP A 55 -8.77 18.65 -0.97
N VAL A 56 -8.50 18.35 -2.24
CA VAL A 56 -7.25 17.65 -2.59
C VAL A 56 -6.03 18.50 -2.21
N ALA A 57 -6.21 19.82 -2.07
CA ALA A 57 -5.13 20.71 -1.65
C ALA A 57 -5.09 20.94 -0.13
N GLY A 58 -5.95 20.25 0.62
CA GLY A 58 -6.04 20.45 2.06
C GLY A 58 -4.98 19.70 2.87
N GLN A 59 -5.18 19.68 4.17
CA GLN A 59 -4.30 18.98 5.11
C GLN A 59 -5.15 18.19 6.08
N VAL A 60 -4.56 17.15 6.68
CA VAL A 60 -5.23 16.38 7.71
C VAL A 60 -4.86 17.00 9.05
N LYS A 61 -5.86 17.41 9.82
CA LYS A 61 -5.62 18.08 11.09
C LYS A 61 -6.49 17.47 12.18
N ALA A 62 -5.86 17.11 13.30
CA ALA A 62 -6.57 16.55 14.44
C ALA A 62 -7.06 17.63 15.39
N GLU A 63 -8.17 17.35 16.06
CA GLU A 63 -8.69 18.21 17.13
C GLU A 63 -9.23 17.36 18.27
N GLY A 64 -9.37 17.96 19.44
CA GLY A 64 -9.97 17.29 20.60
C GLY A 64 -9.07 16.26 21.26
N ILE A 65 -7.76 16.38 21.05
CA ILE A 65 -6.79 15.47 21.69
C ILE A 65 -6.62 15.84 23.17
N SER A 66 -6.73 14.83 24.04
CA SER A 66 -6.36 15.02 25.45
C SER A 66 -5.99 13.66 26.04
N GLU A 67 -5.77 13.61 27.36
CA GLU A 67 -5.43 12.34 28.02
C GLU A 67 -6.56 11.33 27.80
N GLY A 68 -6.23 10.17 27.27
CA GLY A 68 -7.26 9.17 26.95
C GLY A 68 -8.28 9.59 25.87
N ASN A 69 -7.89 10.52 25.01
CA ASN A 69 -8.76 10.88 23.88
C ASN A 69 -7.86 11.23 22.72
N THR A 70 -7.81 10.35 21.72
CA THR A 70 -6.84 10.54 20.65
C THR A 70 -7.37 11.51 19.59
N GLY A 71 -8.56 12.05 19.83
CA GLY A 71 -9.11 13.13 19.00
C GLY A 71 -9.71 12.63 17.70
N THR A 72 -10.04 13.57 16.82
CA THR A 72 -10.70 13.26 15.55
C THR A 72 -10.04 14.14 14.51
N SER A 73 -9.63 13.56 13.38
CA SER A 73 -8.98 14.32 12.32
C SER A 73 -9.94 14.63 11.15
N PHE A 74 -9.67 15.75 10.49
CA PHE A 74 -10.50 16.29 9.43
C PHE A 74 -9.59 16.75 8.32
N ILE A 75 -10.08 16.70 7.08
CA ILE A 75 -9.43 17.40 5.99
C ILE A 75 -9.93 18.84 5.98
N VAL A 76 -9.00 19.79 6.08
CA VAL A 76 -9.33 21.21 6.19
C VAL A 76 -8.40 21.98 5.25
N PRO A 77 -8.72 23.25 4.94
CA PRO A 77 -7.85 23.95 3.99
C PRO A 77 -6.39 24.09 4.42
N PHE A 78 -5.52 24.17 3.42
CA PHE A 78 -4.09 24.24 3.65
C PHE A 78 -3.50 25.25 2.68
N GLU A 79 -3.29 24.85 1.42
CA GLU A 79 -2.78 25.76 0.39
C GLU A 79 -3.67 25.70 -0.87
N ASP A 80 -3.42 26.59 -1.83
CA ASP A 80 -4.31 26.72 -3.01
C ASP A 80 -4.29 25.46 -3.86
N VAL A 81 -3.12 24.85 -3.99
CA VAL A 81 -2.92 23.61 -4.78
C VAL A 81 -2.07 22.61 -3.95
N PRO A 82 -2.11 21.30 -4.31
CA PRO A 82 -1.18 20.40 -3.64
C PRO A 82 0.27 20.81 -3.94
N ARG A 83 1.17 20.60 -2.99
CA ARG A 83 2.58 20.95 -3.21
C ARG A 83 3.27 19.96 -4.13
N VAL A 84 3.92 20.47 -5.17
CA VAL A 84 4.86 19.67 -6.00
C VAL A 84 6.26 20.25 -5.80
N VAL A 85 7.23 19.38 -5.57
CA VAL A 85 8.63 19.77 -5.47
C VAL A 85 9.23 19.37 -6.81
N VAL A 86 9.99 20.27 -7.42
CA VAL A 86 10.71 19.95 -8.64
C VAL A 86 12.18 19.81 -8.30
N LYS A 87 12.76 18.67 -8.67
CA LYS A 87 14.15 18.38 -8.32
C LYS A 87 14.98 17.92 -9.53
N ASP A 88 16.05 18.66 -9.82
CA ASP A 88 16.90 18.30 -10.96
C ASP A 88 18.08 17.42 -10.51
N LEU A 89 17.98 16.12 -10.81
CA LEU A 89 19.02 15.18 -10.42
C LEU A 89 19.93 14.75 -11.57
N ARG A 90 19.82 15.41 -12.73
CA ARG A 90 20.55 14.96 -13.94
C ARG A 90 22.07 14.96 -13.73
N ASP A 91 22.55 15.90 -12.93
CA ASP A 91 23.99 16.00 -12.68
C ASP A 91 24.41 15.60 -11.27
N ASP A 92 23.50 14.93 -10.55
CA ASP A 92 23.76 14.45 -9.18
C ASP A 92 24.32 13.03 -9.22
N PRO A 93 25.59 12.85 -8.86
CA PRO A 93 26.17 11.49 -9.03
C PRO A 93 25.62 10.43 -8.06
N SER A 94 24.84 10.83 -7.06
CA SER A 94 24.19 9.88 -6.16
C SER A 94 22.77 9.50 -6.63
N ALA A 95 22.28 10.16 -7.69
CA ALA A 95 20.93 9.91 -8.22
C ALA A 95 20.95 8.78 -9.21
N PRO A 96 19.81 8.09 -9.39
CA PRO A 96 19.79 7.08 -10.45
C PRO A 96 19.75 7.70 -11.86
N THR A 97 20.07 6.90 -12.86
CA THR A 97 19.92 7.31 -14.26
C THR A 97 18.95 6.34 -14.92
N ILE A 98 18.37 6.70 -16.05
CA ILE A 98 17.47 5.73 -16.70
C ILE A 98 18.16 4.44 -17.14
N GLU A 99 19.38 4.57 -17.66
CA GLU A 99 20.16 3.39 -18.05
C GLU A 99 20.57 2.51 -16.87
N GLY A 100 20.89 3.15 -15.74
CA GLY A 100 21.22 2.41 -14.51
C GLY A 100 20.02 1.59 -14.03
N MET A 101 18.86 2.24 -14.06
CA MET A 101 17.57 1.63 -13.73
CA MET A 101 17.60 1.60 -13.69
C MET A 101 17.29 0.42 -14.60
N ARG A 102 17.39 0.63 -15.91
CA ARG A 102 17.12 -0.40 -16.89
C ARG A 102 18.04 -1.61 -16.71
N LYS A 103 19.34 -1.35 -16.50
CA LYS A 103 20.33 -2.41 -16.36
C LYS A 103 20.13 -3.23 -15.09
N ALA A 104 19.73 -2.57 -14.00
CA ALA A 104 19.48 -3.26 -12.74
C ALA A 104 18.04 -3.76 -12.57
N GLY A 105 17.18 -3.47 -13.56
CA GLY A 105 15.78 -3.95 -13.53
C GLY A 105 14.89 -3.21 -12.54
N TYR A 106 15.16 -1.91 -12.38
CA TYR A 106 14.36 -1.01 -11.51
C TYR A 106 14.31 -1.44 -10.05
N PRO A 107 15.48 -1.56 -9.40
CA PRO A 107 15.50 -2.00 -8.01
C PRO A 107 14.92 -0.98 -7.02
N MET A 108 14.35 -1.46 -5.93
CA MET A 108 13.84 -0.57 -4.87
C MET A 108 14.91 0.39 -4.33
N ALA A 109 16.16 -0.09 -4.27
CA ALA A 109 17.25 0.75 -3.77
C ALA A 109 17.54 1.99 -4.66
N MET A 110 17.10 1.95 -5.92
CA MET A 110 17.25 3.13 -6.80
C MET A 110 16.10 4.13 -6.69
N PHE A 111 15.14 3.85 -5.82
CA PHE A 111 14.03 4.78 -5.53
C PHE A 111 14.13 5.16 -4.08
N ASP A 112 15.19 5.88 -3.73
CA ASP A 112 15.46 6.22 -2.34
C ASP A 112 14.50 7.34 -1.92
N GLU A 113 13.62 7.08 -0.94
CA GLU A 113 12.60 8.10 -0.56
C GLU A 113 13.27 9.45 -0.21
N ASN A 114 14.49 9.38 0.33
CA ASN A 114 15.18 10.62 0.73
C ASN A 114 15.59 11.50 -0.44
N ILE A 115 15.73 10.87 -1.62
CA ILE A 115 16.17 11.55 -2.83
C ILE A 115 14.98 11.85 -3.77
N ILE A 116 14.06 10.91 -3.90
CA ILE A 116 13.00 11.06 -4.92
C ILE A 116 11.58 11.27 -4.38
N ALA A 117 11.41 11.29 -3.05
CA ALA A 117 10.07 11.54 -2.47
C ALA A 117 10.01 12.89 -1.71
N PRO A 118 8.82 13.55 -1.70
CA PRO A 118 8.71 14.87 -1.04
C PRO A 118 8.63 14.82 0.50
N ARG A 119 8.38 13.63 1.06
CA ARG A 119 8.27 13.42 2.50
C ARG A 119 8.49 11.93 2.75
N LYS A 120 9.11 11.61 3.88
CA LYS A 120 9.27 10.20 4.29
C LYS A 120 7.95 9.47 4.56
N THR A 121 8.01 8.14 4.46
CA THR A 121 6.88 7.28 4.78
C THR A 121 6.53 7.37 6.27
N LEU A 122 7.56 7.24 7.08
CA LEU A 122 7.36 7.15 8.52
C LEU A 122 7.56 8.54 9.13
N PRO A 123 6.98 8.77 10.34
CA PRO A 123 7.18 10.09 10.96
C PRO A 123 8.55 10.20 11.63
N ILE A 124 9.59 10.25 10.80
CA ILE A 124 10.97 10.29 11.25
C ILE A 124 11.62 11.52 10.63
N GLY A 125 12.32 12.28 11.48
CA GLY A 125 13.11 13.42 11.02
C GLY A 125 12.36 14.74 10.95
N PRO A 126 13.01 15.77 10.36
CA PRO A 126 12.46 17.12 10.20
C PRO A 126 11.07 17.15 9.58
N GLY A 127 10.18 17.97 10.13
CA GLY A 127 8.89 18.27 9.53
C GLY A 127 7.86 17.16 9.63
N THR A 128 8.06 16.26 10.59
CA THR A 128 7.19 15.10 10.77
C THR A 128 6.62 15.09 12.18
N GLY A 129 6.71 16.25 12.86
CA GLY A 129 6.19 16.42 14.22
C GLY A 129 4.80 17.06 14.26
N ASP A 132 3.57 20.30 12.73
CA ASP A 132 3.90 20.44 11.31
C ASP A 132 2.71 19.94 10.48
N PRO A 133 2.38 20.63 9.39
CA PRO A 133 1.21 20.18 8.63
C PRO A 133 1.36 18.78 8.03
N LYS A 134 0.21 18.12 7.86
CA LYS A 134 0.14 16.85 7.16
C LYS A 134 -0.70 17.04 5.88
N PRO A 135 -0.08 17.48 4.77
CA PRO A 135 -0.87 17.70 3.54
C PRO A 135 -1.53 16.41 3.10
N VAL A 136 -2.70 16.50 2.49
CA VAL A 136 -3.42 15.32 2.03
C VAL A 136 -2.58 14.59 0.94
N ILE A 137 -2.01 15.33 0.02
CA ILE A 137 -1.20 14.70 -1.02
C ILE A 137 0.00 15.59 -1.31
N LEU A 138 1.15 14.97 -1.61
CA LEU A 138 2.37 15.69 -1.97
C LEU A 138 2.99 15.04 -3.18
N LEU A 139 3.55 15.87 -4.06
CA LEU A 139 4.12 15.36 -5.31
C LEU A 139 5.58 15.78 -5.47
N GLN A 140 6.34 15.00 -6.22
CA GLN A 140 7.68 15.42 -6.59
C GLN A 140 8.00 14.95 -7.99
N LEU A 141 8.47 15.89 -8.82
CA LEU A 141 8.97 15.58 -10.15
C LEU A 141 10.48 15.57 -10.07
N ASN A 142 11.08 14.44 -10.42
CA ASN A 142 12.54 14.28 -10.36
C ASN A 142 13.10 14.13 -11.77
N PHE A 143 13.95 15.07 -12.21
CA PHE A 143 14.59 14.91 -13.51
C PHE A 143 15.83 14.05 -13.33
N ILE A 144 15.88 12.91 -14.01
CA ILE A 144 17.09 12.08 -14.00
C ILE A 144 17.63 11.96 -15.41
N LYS A 145 18.87 11.51 -15.54
CA LYS A 145 19.45 11.38 -16.86
C LYS A 145 18.58 10.47 -17.70
N GLY A 146 18.07 11.02 -18.81
CA GLY A 146 17.22 10.29 -19.73
C GLY A 146 15.80 9.99 -19.26
N GLY A 147 15.35 10.64 -18.18
CA GLY A 147 14.05 10.27 -17.62
C GLY A 147 13.41 11.22 -16.62
N LEU A 148 12.28 10.77 -16.09
CA LEU A 148 11.50 11.50 -15.11
C LEU A 148 10.98 10.51 -14.08
N ILE A 149 11.15 10.82 -12.80
CA ILE A 149 10.48 10.03 -11.75
C ILE A 149 9.45 10.94 -11.10
N LEU A 150 8.18 10.56 -11.21
CA LEU A 150 7.10 11.20 -10.50
C LEU A 150 6.78 10.39 -9.26
N THR A 151 6.86 11.03 -8.10
CA THR A 151 6.51 10.40 -6.84
C THR A 151 5.29 11.08 -6.26
N VAL A 152 4.34 10.25 -5.84
CA VAL A 152 3.14 10.73 -5.17
C VAL A 152 3.10 10.17 -3.75
N ASN A 153 2.95 11.05 -2.78
CA ASN A 153 2.70 10.72 -1.37
C ASN A 153 1.25 10.99 -0.98
N GLY A 154 0.58 10.01 -0.37
CA GLY A 154 -0.78 10.19 0.13
C GLY A 154 -0.83 10.02 1.63
N GLN A 155 -1.49 10.95 2.32
CA GLN A 155 -1.64 10.85 3.78
C GLN A 155 -2.55 9.65 4.08
N HIS A 156 -2.03 8.70 4.84
CA HIS A 156 -2.70 7.40 4.93
C HIS A 156 -4.08 7.39 5.64
N GLY A 157 -4.28 8.33 6.56
CA GLY A 157 -5.60 8.48 7.18
C GLY A 157 -6.64 9.00 6.18
N ALA A 158 -6.19 9.82 5.24
CA ALA A 158 -7.02 10.38 4.14
C ALA A 158 -7.28 9.40 2.99
N MET A 159 -6.37 8.47 2.75
CA MET A 159 -6.53 7.55 1.61
C MET A 159 -5.75 6.25 1.79
N ASP A 160 -6.38 5.15 1.36
CA ASP A 160 -5.64 3.89 1.14
C ASP A 160 -5.08 3.93 -0.27
N MET A 161 -4.42 2.87 -0.73
CA MET A 161 -3.82 2.94 -2.06
C MET A 161 -4.90 2.92 -3.19
N VAL A 162 -6.02 2.26 -2.95
CA VAL A 162 -7.15 2.31 -3.91
C VAL A 162 -7.65 3.75 -4.06
N GLY A 163 -7.84 4.44 -2.92
CA GLY A 163 -8.21 5.86 -2.91
C GLY A 163 -7.15 6.74 -3.55
N GLN A 164 -5.89 6.47 -3.24
CA GLN A 164 -4.77 7.26 -3.79
C GLN A 164 -4.69 7.08 -5.33
N ASP A 165 -4.94 5.84 -5.79
CA ASP A 165 -5.05 5.58 -7.22
C ASP A 165 -6.18 6.41 -7.85
N ALA A 166 -7.34 6.46 -7.18
CA ALA A 166 -8.46 7.26 -7.69
C ALA A 166 -8.06 8.71 -7.87
N VAL A 167 -7.39 9.26 -6.86
CA VAL A 167 -6.93 10.66 -6.89
C VAL A 167 -5.89 10.91 -7.99
N ILE A 168 -4.90 10.03 -8.10
CA ILE A 168 -3.88 10.16 -9.13
C ILE A 168 -4.49 10.08 -10.54
N ARG A 169 -5.45 9.16 -10.69
CA ARG A 169 -6.13 8.98 -11.98
C ARG A 169 -6.81 10.28 -12.39
N LEU A 170 -7.50 10.93 -11.46
CA LEU A 170 -8.13 12.20 -11.79
C LEU A 170 -7.09 13.32 -12.03
N LEU A 171 -6.00 13.30 -11.28
CA LEU A 171 -4.90 14.22 -11.59
C LEU A 171 -4.41 14.05 -13.04
N SER A 172 -4.22 12.81 -13.48
CA SER A 172 -3.87 12.57 -14.87
C SER A 172 -4.87 13.21 -15.86
N LYS A 173 -6.17 12.99 -15.62
CA LYS A 173 -7.22 13.62 -16.44
C LYS A 173 -7.09 15.15 -16.42
N ALA A 174 -6.93 15.74 -15.23
CA ALA A 174 -6.79 17.21 -15.08
C ALA A 174 -5.56 17.76 -15.85
N CYS A 175 -4.44 17.03 -15.80
CA CYS A 175 -3.24 17.37 -16.60
C CYS A 175 -3.51 17.37 -18.10
N ARG A 176 -4.31 16.41 -18.56
CA ARG A 176 -4.73 16.34 -19.97
C ARG A 176 -5.84 17.36 -20.30
N ASN A 177 -6.42 17.98 -19.27
CA ASN A 177 -7.62 18.82 -19.41
C ASN A 177 -8.84 18.02 -19.91
N ASP A 178 -8.95 16.78 -19.45
CA ASP A 178 -10.09 15.92 -19.79
C ASP A 178 -11.16 16.06 -18.71
N PRO A 179 -12.45 16.09 -19.11
CA PRO A 179 -13.51 16.35 -18.10
C PRO A 179 -13.65 15.19 -17.11
N PHE A 180 -14.05 15.50 -15.88
CA PHE A 180 -14.41 14.45 -14.92
C PHE A 180 -15.84 14.00 -15.17
N THR A 181 -16.12 12.71 -14.99
CA THR A 181 -17.51 12.25 -15.12
C THR A 181 -18.31 12.62 -13.88
N GLU A 182 -19.64 12.62 -14.00
CA GLU A 182 -20.49 12.89 -12.85
CA GLU A 182 -20.49 12.89 -12.84
C GLU A 182 -20.21 11.88 -11.73
N GLU A 183 -20.10 10.59 -12.09
CA GLU A 183 -19.82 9.56 -11.10
C GLU A 183 -18.49 9.79 -10.37
N GLU A 184 -17.46 10.24 -11.10
CA GLU A 184 -16.15 10.55 -10.46
C GLU A 184 -16.29 11.69 -9.44
N MET A 185 -17.01 12.73 -9.84
CA MET A 185 -17.24 13.89 -8.98
C MET A 185 -18.07 13.53 -7.74
N THR A 186 -19.07 12.69 -7.94
CA THR A 186 -19.85 12.16 -6.84
C THR A 186 -19.00 11.35 -5.88
N ALA A 187 -18.21 10.41 -6.42
CA ALA A 187 -17.37 9.55 -5.58
C ALA A 187 -16.34 10.36 -4.76
N MET A 188 -15.77 11.39 -5.38
CA MET A 188 -14.78 12.27 -4.74
C MET A 188 -15.36 13.09 -3.59
N ASN A 189 -16.69 13.08 -3.44
CA ASN A 189 -17.35 13.98 -2.50
C ASN A 189 -18.34 13.29 -1.57
N LEU A 190 -18.34 11.97 -1.60
CA LEU A 190 -19.16 11.19 -0.68
C LEU A 190 -18.75 11.55 0.77
N ASP A 191 -19.73 11.67 1.63
CA ASP A 191 -19.42 11.89 3.04
C ASP A 191 -18.72 10.67 3.61
N ARG A 192 -17.61 10.89 4.30
CA ARG A 192 -16.80 9.79 4.80
C ARG A 192 -17.25 9.26 6.14
N LYS A 193 -17.69 10.15 7.04
CA LYS A 193 -17.98 9.72 8.42
C LYS A 193 -19.19 8.78 8.49
N THR A 194 -20.00 8.74 7.43
CA THR A 194 -21.17 7.84 7.37
C THR A 194 -21.06 6.68 6.39
N ILE A 195 -19.90 6.53 5.75
CA ILE A 195 -19.77 5.56 4.66
C ILE A 195 -19.76 4.07 5.13
N VAL A 196 -19.39 3.85 6.39
CA VAL A 196 -19.51 2.53 7.00
C VAL A 196 -20.62 2.58 8.08
N PRO A 197 -21.78 1.95 7.84
CA PRO A 197 -22.85 2.00 8.84
C PRO A 197 -22.41 1.24 10.09
N TYR A 198 -22.64 1.84 11.26
CA TYR A 198 -22.23 1.19 12.51
C TYR A 198 -23.14 0.04 12.90
N LEU A 199 -22.61 -0.85 13.74
CA LEU A 199 -23.42 -1.90 14.35
C LEU A 199 -24.10 -1.34 15.59
N GLU A 200 -25.30 -1.81 15.87
CA GLU A 200 -26.10 -1.29 16.98
C GLU A 200 -25.75 -2.02 18.27
N ASN A 201 -25.61 -1.26 19.36
CA ASN A 201 -25.36 -1.82 20.72
C ASN A 201 -24.14 -2.73 20.76
N TYR A 202 -23.06 -2.28 20.13
CA TYR A 202 -21.88 -3.09 19.96
C TYR A 202 -20.85 -2.66 20.96
N THR A 203 -20.25 -3.62 21.64
CA THR A 203 -19.14 -3.30 22.55
C THR A 203 -17.85 -3.88 21.99
N ILE A 204 -17.80 -5.21 21.91
CA ILE A 204 -16.69 -5.92 21.34
C ILE A 204 -17.17 -7.30 20.85
N GLY A 205 -16.57 -7.79 19.76
CA GLY A 205 -16.93 -9.08 19.20
C GLY A 205 -15.77 -9.63 18.38
N PRO A 206 -15.97 -10.79 17.72
CA PRO A 206 -14.93 -11.38 16.89
C PRO A 206 -14.55 -10.51 15.66
N GLU A 207 -15.39 -9.54 15.32
CA GLU A 207 -15.11 -8.60 14.22
C GLU A 207 -13.76 -7.92 14.34
N VAL A 208 -13.34 -7.68 15.57
CA VAL A 208 -12.10 -7.05 15.85
C VAL A 208 -11.01 -7.97 16.44
N ASP A 209 -11.16 -9.28 16.26
CA ASP A 209 -10.06 -10.19 16.51
C ASP A 209 -8.81 -9.69 15.79
N HIS A 210 -7.66 -9.79 16.47
CA HIS A 210 -6.35 -9.41 15.91
C HIS A 210 -6.16 -7.91 15.66
N GLN A 211 -7.07 -7.07 16.17
CA GLN A 211 -7.04 -5.63 15.84
C GLN A 211 -6.94 -4.71 17.09
N ILE A 212 -6.92 -5.33 18.26
CA ILE A 212 -6.73 -4.56 19.51
C ILE A 212 -5.51 -5.11 20.25
N VAL A 213 -4.57 -4.21 20.56
CA VAL A 213 -3.32 -4.58 21.21
C VAL A 213 -3.69 -4.94 22.65
N LYS A 214 -3.06 -6.01 23.14
CA LYS A 214 -3.24 -6.43 24.54
C LYS A 214 -1.85 -6.51 25.17
N ALA A 215 -1.76 -6.27 26.48
CA ALA A 215 -0.47 -6.19 27.16
C ALA A 215 0.37 -7.48 27.03
N ASP A 216 -0.29 -8.63 26.89
CA ASP A 216 0.45 -9.91 26.82
C ASP A 216 0.66 -10.47 25.41
N VAL A 217 0.38 -9.65 24.38
CA VAL A 217 0.49 -10.11 23.01
C VAL A 217 1.37 -9.16 22.19
N ALA A 218 2.42 -9.71 21.58
CA ALA A 218 3.32 -8.96 20.68
C ALA A 218 2.59 -8.51 19.41
N GLY A 219 2.98 -7.34 18.88
CA GLY A 219 2.34 -6.73 17.69
C GLY A 219 2.33 -5.19 17.72
N GLY A 220 1.54 -4.57 16.85
CA GLY A 220 1.47 -3.10 16.77
C GLY A 220 1.79 -2.55 15.39
N ASP A 221 1.92 -1.21 15.30
CA ASP A 221 2.08 -0.51 14.02
C ASP A 221 3.53 -0.27 13.65
N ALA A 222 3.88 -0.58 12.39
CA ALA A 222 5.22 -0.33 11.81
C ALA A 222 6.35 -0.55 12.82
N VAL A 223 6.38 -1.78 13.34
CA VAL A 223 7.38 -2.16 14.34
C VAL A 223 8.76 -2.26 13.67
N LEU A 224 9.68 -1.40 14.12
CA LEU A 224 11.08 -1.50 13.71
C LEU A 224 11.80 -2.42 14.70
N THR A 225 12.12 -3.63 14.24
CA THR A 225 12.70 -4.66 15.11
C THR A 225 14.18 -4.35 15.32
N PRO A 226 14.73 -4.69 16.50
CA PRO A 226 16.15 -4.37 16.74
C PRO A 226 17.06 -5.42 16.10
N VAL A 227 16.73 -5.82 14.88
CA VAL A 227 17.55 -6.77 14.13
C VAL A 227 17.84 -6.17 12.77
N SER A 228 18.98 -6.55 12.20
CA SER A 228 19.38 -6.09 10.88
C SER A 228 18.43 -6.67 9.81
N ALA A 229 17.91 -5.78 8.96
CA ALA A 229 16.86 -6.14 7.97
C ALA A 229 17.02 -5.27 6.72
N SER A 230 16.35 -5.64 5.63
CA SER A 230 16.47 -4.88 4.38
C SER A 230 15.19 -5.01 3.54
N TRP A 231 15.08 -4.17 2.52
CA TRP A 231 13.99 -4.24 1.54
C TRP A 231 14.58 -4.76 0.26
N ALA A 232 13.81 -5.58 -0.48
CA ALA A 232 14.18 -5.95 -1.84
C ALA A 232 12.95 -6.24 -2.71
N PHE A 233 13.03 -5.91 -3.99
CA PHE A 233 12.03 -6.34 -4.97
C PHE A 233 12.44 -7.71 -5.52
N PHE A 234 11.42 -8.52 -5.84
CA PHE A 234 11.57 -9.79 -6.57
C PHE A 234 10.50 -9.75 -7.63
N THR A 235 10.86 -10.06 -8.86
CA THR A 235 9.88 -10.08 -9.95
C THR A 235 9.45 -11.51 -10.29
N PHE A 236 8.20 -11.62 -10.75
CA PHE A 236 7.62 -12.88 -11.18
C PHE A 236 7.05 -12.68 -12.56
N SER A 237 7.63 -13.37 -13.56
CA SER A 237 7.21 -13.28 -14.94
C SER A 237 5.73 -13.72 -15.10
N PRO A 238 5.07 -13.30 -16.19
CA PRO A 238 3.72 -13.79 -16.42
C PRO A 238 3.63 -15.34 -16.38
N LYS A 239 4.65 -16.01 -16.90
CA LYS A 239 4.72 -17.47 -16.90
C LYS A 239 4.91 -18.02 -15.48
N ALA A 240 5.76 -17.38 -14.69
CA ALA A 240 5.97 -17.83 -13.31
C ALA A 240 4.69 -17.70 -12.51
N MET A 241 3.95 -16.61 -12.74
CA MET A 241 2.68 -16.36 -12.06
C MET A 241 1.63 -17.40 -12.47
N SER A 242 1.55 -17.71 -13.75
CA SER A 242 0.54 -18.70 -14.18
C SER A 242 0.90 -20.11 -13.66
N GLU A 243 2.19 -20.41 -13.52
CA GLU A 243 2.63 -21.73 -12.99
C GLU A 243 2.35 -21.85 -11.51
N LEU A 244 2.56 -20.77 -10.76
CA LEU A 244 2.12 -20.73 -9.36
C LEU A 244 0.61 -20.89 -9.25
N LYS A 245 -0.15 -20.17 -10.06
CA LYS A 245 -1.61 -20.33 -10.01
C LYS A 245 -2.06 -21.77 -10.35
N ASP A 246 -1.44 -22.33 -11.39
CA ASP A 246 -1.69 -23.74 -11.77
C ASP A 246 -1.41 -24.72 -10.60
N ALA A 247 -0.23 -24.58 -9.99
CA ALA A 247 0.21 -25.44 -8.87
C ALA A 247 -0.76 -25.36 -7.69
N ALA A 248 -1.25 -24.15 -7.41
CA ALA A 248 -2.23 -23.96 -6.34
C ALA A 248 -3.58 -24.56 -6.70
N THR A 249 -4.06 -24.26 -7.92
CA THR A 249 -5.37 -24.74 -8.39
C THR A 249 -5.47 -26.29 -8.33
N LYS A 250 -4.37 -26.96 -8.63
CA LYS A 250 -4.31 -28.42 -8.63
C LYS A 250 -4.42 -29.03 -7.24
N THR A 251 -4.17 -28.21 -6.20
CA THR A 251 -4.09 -28.72 -4.82
C THR A 251 -5.03 -28.03 -3.83
N LEU A 252 -6.14 -27.49 -4.32
CA LEU A 252 -7.07 -26.74 -3.48
C LEU A 252 -7.80 -27.62 -2.46
N ASP A 253 -8.18 -27.02 -1.33
CA ASP A 253 -9.07 -27.63 -0.35
CA ASP A 253 -9.01 -27.74 -0.40
C ASP A 253 -10.40 -27.96 -1.02
N ALA A 254 -11.15 -28.91 -0.45
CA ALA A 254 -12.47 -29.26 -1.00
C ALA A 254 -13.52 -28.15 -0.83
N SER A 255 -13.25 -27.22 0.07
CA SER A 255 -14.16 -26.12 0.35
C SER A 255 -13.92 -24.93 -0.57
N THR A 256 -12.92 -25.03 -1.45
CA THR A 256 -12.45 -23.89 -2.22
C THR A 256 -12.57 -24.19 -3.71
N LYS A 257 -13.45 -23.47 -4.39
CA LYS A 257 -13.73 -23.73 -5.83
C LYS A 257 -12.60 -23.20 -6.70
N PHE A 258 -12.07 -22.04 -6.34
CA PHE A 258 -10.97 -21.46 -7.11
C PHE A 258 -10.17 -20.52 -6.22
N VAL A 259 -8.98 -20.18 -6.69
CA VAL A 259 -8.17 -19.12 -6.05
C VAL A 259 -7.68 -18.23 -7.17
N SER A 260 -7.18 -17.05 -6.83
CA SER A 260 -6.71 -16.11 -7.83
C SER A 260 -5.18 -16.15 -7.95
N THR A 261 -4.66 -15.52 -8.99
CA THR A 261 -3.22 -15.28 -9.16
C THR A 261 -2.60 -14.63 -7.91
N ASP A 262 -3.27 -13.60 -7.41
CA ASP A 262 -2.87 -12.88 -6.19
C ASP A 262 -2.82 -13.85 -4.99
N ASP A 263 -3.87 -14.65 -4.82
CA ASP A 263 -3.87 -15.65 -3.75
C ASP A 263 -2.64 -16.55 -3.85
N ALA A 264 -2.35 -17.03 -5.07
CA ALA A 264 -1.30 -18.04 -5.25
C ALA A 264 0.08 -17.48 -4.90
N LEU A 265 0.35 -16.26 -5.34
CA LEU A 265 1.62 -15.63 -5.00
C LEU A 265 1.73 -15.31 -3.48
N SER A 266 0.65 -14.79 -2.89
CA SER A 266 0.62 -14.51 -1.44
C SER A 266 0.92 -15.80 -0.66
N ALA A 267 0.27 -16.89 -1.06
CA ALA A 267 0.53 -18.21 -0.46
C ALA A 267 1.98 -18.71 -0.65
N PHE A 268 2.51 -18.55 -1.86
CA PHE A 268 3.89 -18.96 -2.17
C PHE A 268 4.88 -18.23 -1.28
N ILE A 269 4.66 -16.93 -1.07
CA ILE A 269 5.52 -16.14 -0.18
C ILE A 269 5.40 -16.59 1.27
N TRP A 270 4.18 -16.81 1.76
CA TRP A 270 4.00 -17.25 3.15
C TRP A 270 4.73 -18.58 3.36
N LYS A 271 4.61 -19.46 2.37
CA LYS A 271 5.22 -20.80 2.45
C LYS A 271 6.75 -20.71 2.38
N SER A 272 7.26 -19.89 1.46
CA SER A 272 8.70 -19.68 1.31
C SER A 272 9.33 -19.02 2.53
N ALA A 273 8.65 -18.01 3.09
CA ALA A 273 9.12 -17.37 4.31
C ALA A 273 9.17 -18.35 5.48
N SER A 274 8.10 -19.14 5.62
CA SER A 274 7.98 -20.11 6.69
C SER A 274 9.06 -21.20 6.54
N ARG A 275 9.29 -21.62 5.30
CA ARG A 275 10.33 -22.60 4.99
C ARG A 275 11.72 -22.13 5.45
N VAL A 276 12.10 -20.89 5.16
CA VAL A 276 13.45 -20.43 5.53
C VAL A 276 13.56 -20.13 7.02
N ARG A 277 12.44 -19.73 7.61
CA ARG A 277 12.39 -19.48 9.03
C ARG A 277 12.59 -20.74 9.88
N LEU A 278 12.28 -21.90 9.31
CA LEU A 278 12.57 -23.20 9.96
C LEU A 278 14.05 -23.38 10.33
N GLU A 279 14.92 -22.67 9.62
CA GLU A 279 16.34 -22.62 9.94
C GLU A 279 16.67 -21.87 11.24
N ARG A 280 15.70 -21.17 11.82
CA ARG A 280 15.96 -20.43 13.06
C ARG A 280 14.89 -20.52 14.13
N ILE A 281 13.76 -21.16 13.82
CA ILE A 281 12.74 -21.41 14.84
C ILE A 281 12.10 -22.76 14.61
N ASP A 282 11.42 -23.27 15.63
CA ASP A 282 10.77 -24.57 15.54
C ASP A 282 9.52 -24.50 14.66
N GLY A 283 9.22 -25.60 13.98
CA GLY A 283 8.00 -25.72 13.19
C GLY A 283 6.71 -25.45 13.95
N SER A 284 6.72 -25.66 15.28
CA SER A 284 5.52 -25.41 16.10
C SER A 284 5.23 -23.92 16.35
N ALA A 285 6.16 -23.05 15.97
CA ALA A 285 6.01 -21.61 16.20
C ALA A 285 4.78 -21.08 15.46
N PRO A 286 3.89 -20.33 16.14
CA PRO A 286 2.73 -19.78 15.42
C PRO A 286 3.15 -18.83 14.30
N THR A 287 2.31 -18.71 13.27
CA THR A 287 2.57 -17.76 12.20
C THR A 287 1.22 -17.19 11.77
N GLU A 288 1.18 -15.86 11.65
CA GLU A 288 -0.03 -15.19 11.17
C GLU A 288 0.26 -14.45 9.85
N PHE A 289 -0.64 -14.62 8.88
CA PHE A 289 -0.62 -13.83 7.66
C PHE A 289 -1.70 -12.78 7.83
N CYS A 290 -1.30 -11.51 7.66
CA CYS A 290 -2.21 -10.37 7.68
C CYS A 290 -2.26 -9.83 6.25
N ARG A 291 -3.44 -9.88 5.64
CA ARG A 291 -3.55 -9.54 4.23
C ARG A 291 -4.48 -8.33 4.05
N ALA A 292 -3.99 -7.28 3.42
CA ALA A 292 -4.83 -6.07 3.23
C ALA A 292 -5.87 -6.33 2.14
N VAL A 293 -7.09 -5.84 2.37
CA VAL A 293 -8.19 -6.08 1.46
C VAL A 293 -8.97 -4.76 1.32
N ASP A 294 -9.22 -4.35 0.09
CA ASP A 294 -10.10 -3.21 -0.23
C ASP A 294 -11.54 -3.59 0.15
N ALA A 295 -12.14 -2.78 1.00
CA ALA A 295 -13.45 -3.06 1.52
C ALA A 295 -14.60 -2.33 0.76
N ARG A 296 -14.26 -1.55 -0.27
CA ARG A 296 -15.28 -0.88 -1.06
C ARG A 296 -16.31 -1.87 -1.66
N PRO A 297 -15.85 -2.95 -2.32
CA PRO A 297 -16.86 -3.86 -2.91
C PRO A 297 -17.85 -4.45 -1.89
N ALA A 298 -17.36 -4.83 -0.71
CA ALA A 298 -18.21 -5.39 0.35
C ALA A 298 -19.17 -4.35 0.88
N MET A 299 -18.73 -3.09 0.91
CA MET A 299 -19.56 -2.01 1.41
C MET A 299 -20.46 -1.41 0.35
N GLY A 300 -20.30 -1.86 -0.90
CA GLY A 300 -21.06 -1.32 -2.06
C GLY A 300 -20.63 0.09 -2.45
N VAL A 301 -19.35 0.39 -2.27
CA VAL A 301 -18.82 1.73 -2.53
C VAL A 301 -18.04 1.73 -3.85
N SER A 302 -18.18 2.82 -4.61
CA SER A 302 -17.49 3.04 -5.87
C SER A 302 -15.98 2.81 -5.75
N ASN A 303 -15.39 2.18 -6.78
CA ASN A 303 -13.93 2.06 -6.87
C ASN A 303 -13.27 3.45 -6.91
N ASN A 304 -14.05 4.47 -7.25
CA ASN A 304 -13.53 5.84 -7.38
C ASN A 304 -13.59 6.62 -6.06
N TYR A 305 -14.13 6.02 -5.01
CA TYR A 305 -14.12 6.65 -3.66
C TYR A 305 -12.67 6.81 -3.21
N PRO A 306 -12.22 8.07 -2.96
CA PRO A 306 -10.79 8.32 -2.72
C PRO A 306 -10.30 8.16 -1.27
N GLY A 307 -11.14 7.67 -0.37
CA GLY A 307 -10.84 7.69 1.07
C GLY A 307 -10.09 6.44 1.52
N LEU A 308 -10.28 6.10 2.78
CA LEU A 308 -9.64 4.96 3.44
C LEU A 308 -10.76 3.97 3.79
N LEU A 309 -10.84 2.88 3.04
CA LEU A 309 -11.88 1.89 3.23
C LEU A 309 -11.20 0.55 2.96
N GLN A 310 -10.43 0.11 3.95
CA GLN A 310 -9.55 -1.05 3.79
C GLN A 310 -9.63 -1.81 5.12
N ASN A 311 -9.46 -3.11 5.07
CA ASN A 311 -9.36 -3.94 6.26
C ASN A 311 -8.28 -4.96 5.97
N MET A 312 -8.15 -5.96 6.85
CA MET A 312 -7.23 -7.07 6.66
C MET A 312 -8.02 -8.37 6.81
N THR A 313 -7.47 -9.47 6.28
CA THR A 313 -7.93 -10.79 6.70
C THR A 313 -6.75 -11.43 7.41
N TYR A 314 -7.04 -12.23 8.43
CA TYR A 314 -6.00 -12.84 9.31
C TYR A 314 -6.12 -14.35 9.17
N HIS A 315 -4.95 -15.00 9.14
CA HIS A 315 -4.79 -16.43 8.90
C HIS A 315 -3.70 -16.95 9.84
N ASN A 316 -4.10 -17.84 10.76
CA ASN A 316 -3.18 -18.33 11.78
C ASN A 316 -2.94 -19.82 11.66
N SER A 317 -1.66 -20.20 11.73
CA SER A 317 -1.20 -21.57 11.57
C SER A 317 0.14 -21.70 12.30
N THR A 318 0.96 -22.67 11.91
CA THR A 318 2.32 -22.75 12.44
C THR A 318 3.27 -22.77 11.30
N ILE A 319 4.51 -22.34 11.57
CA ILE A 319 5.58 -22.30 10.58
C ILE A 319 5.76 -23.65 9.83
N GLY A 320 5.75 -24.75 10.57
CA GLY A 320 5.91 -26.09 9.95
C GLY A 320 4.73 -26.48 9.07
N GLU A 321 3.51 -26.21 9.54
CA GLU A 321 2.31 -26.55 8.75
C GLU A 321 2.29 -25.78 7.43
N ILE A 322 2.50 -24.47 7.50
CA ILE A 322 2.53 -23.63 6.29
C ILE A 322 3.65 -24.07 5.34
N ALA A 323 4.85 -24.29 5.86
CA ALA A 323 5.98 -24.72 5.00
C ALA A 323 5.70 -26.04 4.26
N ASN A 324 5.09 -26.98 4.96
CA ASN A 324 4.98 -28.37 4.50
C ASN A 324 3.72 -28.73 3.70
N GLU A 325 2.63 -27.98 3.90
CA GLU A 325 1.40 -28.23 3.15
C GLU A 325 1.51 -27.82 1.67
N SER A 326 0.54 -28.20 0.84
CA SER A 326 0.63 -27.84 -0.59
C SER A 326 0.40 -26.36 -0.80
N LEU A 327 0.78 -25.85 -1.98
CA LEU A 327 0.47 -24.46 -2.30
C LEU A 327 -1.04 -24.17 -2.26
N GLY A 328 -1.84 -25.13 -2.75
CA GLY A 328 -3.28 -24.96 -2.78
C GLY A 328 -3.94 -24.93 -1.42
N ALA A 329 -3.45 -25.76 -0.49
CA ALA A 329 -3.88 -25.68 0.90
C ALA A 329 -3.69 -24.25 1.45
N THR A 330 -2.50 -23.68 1.21
CA THR A 330 -2.16 -22.36 1.73
C THR A 330 -3.01 -21.27 1.06
N ALA A 331 -3.19 -21.36 -0.26
CA ALA A 331 -4.00 -20.36 -1.01
C ALA A 331 -5.46 -20.43 -0.61
N SER A 332 -5.93 -21.64 -0.30
CA SER A 332 -7.29 -21.85 0.19
C SER A 332 -7.52 -21.12 1.52
N ARG A 333 -6.53 -21.12 2.40
CA ARG A 333 -6.65 -20.38 3.68
C ARG A 333 -7.00 -18.92 3.39
N LEU A 334 -6.25 -18.33 2.45
CA LEU A 334 -6.43 -16.91 2.09
C LEU A 334 -7.78 -16.65 1.45
N ARG A 335 -8.13 -17.44 0.44
CA ARG A 335 -9.41 -17.26 -0.28
C ARG A 335 -10.61 -17.47 0.65
N SER A 336 -10.45 -18.35 1.64
CA SER A 336 -11.56 -18.67 2.57
C SER A 336 -12.09 -17.46 3.36
N GLU A 337 -11.29 -16.41 3.49
CA GLU A 337 -11.72 -15.23 4.26
C GLU A 337 -12.23 -14.05 3.41
N LEU A 338 -12.48 -14.30 2.14
CA LEU A 338 -12.88 -13.22 1.25
C LEU A 338 -14.39 -13.13 0.94
N ASP A 339 -15.24 -13.81 1.69
CA ASP A 339 -16.68 -13.68 1.52
C ASP A 339 -17.08 -12.22 1.79
N PRO A 340 -17.74 -11.54 0.82
CA PRO A 340 -18.15 -10.14 0.98
C PRO A 340 -18.99 -9.86 2.25
N ALA A 341 -19.97 -10.71 2.56
CA ALA A 341 -20.78 -10.54 3.78
C ALA A 341 -19.93 -10.53 5.05
N SER A 342 -18.92 -11.41 5.09
CA SER A 342 -17.96 -11.47 6.20
CA SER A 342 -18.00 -11.45 6.23
C SER A 342 -17.11 -10.19 6.29
N MET A 343 -16.56 -9.78 5.15
CA MET A 343 -15.76 -8.57 5.09
C MET A 343 -16.57 -7.36 5.55
N ARG A 344 -17.84 -7.31 5.16
CA ARG A 344 -18.70 -6.20 5.50
C ARG A 344 -18.94 -6.16 7.01
N GLN A 345 -19.31 -7.31 7.57
CA GLN A 345 -19.60 -7.38 9.01
C GLN A 345 -18.38 -7.03 9.85
N ARG A 346 -17.24 -7.64 9.53
CA ARG A 346 -15.97 -7.34 10.20
C ARG A 346 -15.62 -5.84 10.11
N THR A 347 -15.72 -5.29 8.91
CA THR A 347 -15.41 -3.87 8.69
C THR A 347 -16.35 -2.93 9.47
N ARG A 348 -17.65 -3.25 9.51
CA ARG A 348 -18.57 -2.50 10.33
C ARG A 348 -18.21 -2.59 11.81
N GLY A 349 -17.80 -3.77 12.25
CA GLY A 349 -17.41 -3.97 13.64
C GLY A 349 -16.20 -3.13 13.99
N LEU A 350 -15.17 -3.14 13.14
CA LEU A 350 -13.99 -2.32 13.41
C LEU A 350 -14.31 -0.82 13.47
N ALA A 351 -15.04 -0.33 12.48
CA ALA A 351 -15.48 1.06 12.44
C ALA A 351 -16.30 1.43 13.70
N THR A 352 -17.18 0.53 14.14
CA THR A 352 -18.04 0.77 15.32
C THR A 352 -17.22 0.84 16.59
N TYR A 353 -16.29 -0.11 16.74
CA TYR A 353 -15.40 -0.11 17.90
C TYR A 353 -14.60 1.20 17.99
N LEU A 354 -14.03 1.60 16.85
CA LEU A 354 -13.34 2.87 16.78
C LEU A 354 -14.24 4.05 17.14
N HIS A 355 -15.45 4.10 16.56
CA HIS A 355 -16.39 5.17 16.84
C HIS A 355 -16.73 5.26 18.34
N ASN A 356 -16.88 4.10 18.98
CA ASN A 356 -17.26 4.02 20.40
C ASN A 356 -16.17 4.36 21.39
N ASN A 357 -14.94 4.52 20.91
CA ASN A 357 -13.81 4.64 21.80
C ASN A 357 -13.02 5.90 21.50
N PRO A 358 -13.13 6.94 22.37
CA PRO A 358 -12.30 8.15 22.20
C PRO A 358 -10.81 7.86 22.21
N ASP A 359 -10.40 6.84 22.97
CA ASP A 359 -8.99 6.42 23.01
C ASP A 359 -8.79 5.30 22.00
N LYS A 360 -8.27 5.66 20.83
CA LYS A 360 -8.08 4.69 19.74
C LYS A 360 -6.67 4.13 19.74
N SER A 361 -5.89 4.40 20.79
CA SER A 361 -4.45 4.12 20.77
C SER A 361 -4.11 2.62 20.73
N ASN A 362 -5.06 1.77 21.15
CA ASN A 362 -4.80 0.31 21.14
C ASN A 362 -5.20 -0.39 19.83
N VAL A 363 -5.79 0.34 18.88
CA VAL A 363 -6.38 -0.33 17.70
C VAL A 363 -5.33 -0.30 16.60
N SER A 364 -5.10 -1.47 15.99
CA SER A 364 -4.10 -1.64 14.95
C SER A 364 -4.50 -2.77 14.00
N LEU A 365 -4.37 -2.51 12.70
CA LEU A 365 -4.53 -3.58 11.70
C LEU A 365 -3.50 -4.73 11.82
N THR A 366 -2.43 -4.52 12.59
CA THR A 366 -1.44 -5.57 12.84
C THR A 366 -1.17 -5.66 14.36
N ALA A 367 -2.26 -5.56 15.13
CA ALA A 367 -2.20 -5.55 16.60
C ALA A 367 -1.50 -6.76 17.21
N ASP A 368 -1.67 -7.94 16.61
CA ASP A 368 -1.01 -9.11 17.17
C ASP A 368 -0.05 -9.83 16.23
N ALA A 369 0.44 -9.13 15.21
CA ALA A 369 1.37 -9.72 14.25
C ALA A 369 2.79 -9.61 14.79
N ASP A 370 3.31 -10.72 15.28
CA ASP A 370 4.70 -10.79 15.74
C ASP A 370 5.60 -10.71 14.49
N PRO A 371 6.43 -9.65 14.38
CA PRO A 371 7.27 -9.48 13.19
C PRO A 371 8.19 -10.64 12.83
N SER A 372 8.64 -11.40 13.82
CA SER A 372 9.57 -12.48 13.59
C SER A 372 8.94 -13.62 12.78
N THR A 373 7.65 -13.84 12.95
CA THR A 373 6.99 -15.01 12.38
C THR A 373 5.84 -14.70 11.42
N SER A 374 5.50 -13.41 11.31
CA SER A 374 4.30 -12.99 10.58
C SER A 374 4.62 -12.64 9.13
N VAL A 375 3.56 -12.41 8.35
CA VAL A 375 3.65 -11.78 7.03
C VAL A 375 2.56 -10.72 7.00
N MET A 376 2.93 -9.46 6.76
CA MET A 376 1.96 -8.37 6.64
CA MET A 376 1.95 -8.38 6.62
C MET A 376 2.06 -7.84 5.20
N LEU A 377 1.11 -8.23 4.36
CA LEU A 377 1.22 -7.98 2.93
C LEU A 377 0.05 -7.12 2.45
N SER A 378 0.36 -6.10 1.65
CA SER A 378 -0.64 -5.32 0.96
C SER A 378 -0.40 -5.36 -0.55
N SER A 379 -1.36 -5.92 -1.29
CA SER A 379 -1.26 -6.01 -2.74
C SER A 379 -1.84 -4.77 -3.39
N TRP A 380 -1.01 -4.09 -4.17
CA TRP A 380 -1.47 -2.99 -5.02
C TRP A 380 -1.67 -3.45 -6.45
N ALA A 381 -1.77 -4.77 -6.64
CA ALA A 381 -1.73 -5.34 -7.99
C ALA A 381 -2.83 -4.80 -8.93
N LYS A 382 -4.00 -4.57 -8.40
CA LYS A 382 -5.18 -4.10 -9.12
CA LYS A 382 -5.17 -4.15 -9.21
C LYS A 382 -5.25 -2.61 -9.49
N VAL A 383 -4.37 -1.83 -8.92
CA VAL A 383 -4.56 -0.38 -9.13
C VAL A 383 -4.10 0.01 -10.54
N GLY A 384 -4.56 1.15 -11.03
CA GLY A 384 -4.47 1.44 -12.46
C GLY A 384 -3.30 2.29 -12.92
N LEU A 385 -2.29 2.43 -12.09
CA LEU A 385 -1.17 3.38 -12.30
C LEU A 385 -0.35 3.22 -13.58
N TRP A 386 -0.29 2.00 -14.14
CA TRP A 386 0.43 1.79 -15.41
C TRP A 386 -0.22 2.47 -16.61
N ASP A 387 -1.47 2.90 -16.45
CA ASP A 387 -2.19 3.54 -17.56
C ASP A 387 -2.07 5.07 -17.66
N TYR A 388 -1.46 5.74 -16.69
CA TYR A 388 -1.60 7.22 -16.64
C TYR A 388 -0.43 7.91 -17.28
N ASP A 389 -0.73 8.88 -18.15
CA ASP A 389 0.32 9.63 -18.88
C ASP A 389 0.44 11.10 -18.47
N PHE A 390 -0.54 11.62 -17.72
CA PHE A 390 -0.56 13.03 -17.24
C PHE A 390 -0.37 14.09 -18.33
N GLY A 391 -0.75 13.75 -19.56
CA GLY A 391 -0.64 14.68 -20.69
C GLY A 391 0.79 15.11 -20.99
N LEU A 392 1.76 14.33 -20.53
CA LEU A 392 3.18 14.71 -20.64
C LEU A 392 3.79 14.38 -21.99
N GLY A 393 3.12 13.55 -22.77
CA GLY A 393 3.61 13.13 -24.07
C GLY A 393 4.80 12.21 -24.01
N LEU A 394 4.99 11.55 -22.88
CA LEU A 394 6.12 10.63 -22.68
C LEU A 394 5.74 9.15 -22.86
N GLY A 395 4.45 8.90 -23.08
CA GLY A 395 3.91 7.52 -23.12
C GLY A 395 3.50 7.08 -21.72
N LYS A 396 3.25 5.78 -21.55
CA LYS A 396 2.87 5.22 -20.26
C LYS A 396 4.11 5.01 -19.39
N PRO A 397 3.94 4.84 -18.07
CA PRO A 397 5.10 4.54 -17.22
C PRO A 397 5.92 3.35 -17.70
N GLU A 398 7.24 3.48 -17.61
CA GLU A 398 8.16 2.38 -17.92
C GLU A 398 8.21 1.41 -16.73
N THR A 399 8.10 1.96 -15.53
CA THR A 399 7.86 1.13 -14.34
C THR A 399 7.08 1.91 -13.29
N VAL A 400 6.54 1.16 -12.32
CA VAL A 400 5.77 1.71 -11.21
C VAL A 400 6.27 0.98 -9.96
N ARG A 401 6.96 1.70 -9.08
CA ARG A 401 7.69 1.07 -7.96
C ARG A 401 7.54 1.89 -6.72
N ARG A 402 7.40 1.20 -5.57
CA ARG A 402 7.39 1.89 -4.28
C ARG A 402 8.82 2.31 -3.87
N PRO A 403 9.01 3.58 -3.43
CA PRO A 403 10.31 3.95 -2.82
C PRO A 403 10.75 3.07 -1.64
N ILE A 404 12.05 2.88 -1.52
CA ILE A 404 12.61 2.22 -0.32
C ILE A 404 12.53 3.17 0.89
N PHE A 405 12.32 2.59 2.07
CA PHE A 405 12.34 3.33 3.32
C PHE A 405 12.96 2.41 4.40
N GLU A 406 12.81 2.74 5.67
CA GLU A 406 13.36 1.88 6.73
C GLU A 406 12.77 0.46 6.61
N PRO A 407 13.59 -0.60 6.82
CA PRO A 407 13.01 -1.95 6.81
C PRO A 407 12.00 -2.07 7.95
N VAL A 408 10.83 -2.62 7.65
CA VAL A 408 9.84 -2.96 8.67
C VAL A 408 9.68 -4.48 8.57
N GLU A 409 10.24 -5.22 9.53
CA GLU A 409 10.35 -6.67 9.36
C GLU A 409 8.99 -7.29 9.08
N SER A 410 8.92 -8.08 8.00
CA SER A 410 7.74 -8.89 7.57
C SER A 410 6.67 -8.10 6.81
N LEU A 411 6.91 -6.80 6.62
CA LEU A 411 6.03 -6.00 5.77
C LEU A 411 6.38 -6.26 4.31
N MET A 412 5.33 -6.34 3.48
CA MET A 412 5.48 -6.69 2.07
C MET A 412 4.39 -6.03 1.24
N TYR A 413 4.70 -5.77 -0.03
CA TYR A 413 3.74 -5.19 -0.99
C TYR A 413 3.82 -5.92 -2.34
N PHE A 414 2.70 -5.98 -3.07
CA PHE A 414 2.77 -6.20 -4.53
C PHE A 414 2.60 -4.87 -5.23
N MET A 415 3.43 -4.63 -6.24
CA MET A 415 3.29 -3.43 -7.07
C MET A 415 2.06 -3.57 -7.97
N PRO A 416 1.57 -2.44 -8.53
CA PRO A 416 0.59 -2.55 -9.62
C PRO A 416 1.09 -3.52 -10.67
N LYS A 417 0.23 -4.44 -11.05
CA LYS A 417 0.60 -5.48 -12.00
C LYS A 417 0.87 -4.81 -13.36
N LYS A 418 1.99 -5.15 -13.96
CA LYS A 418 2.31 -4.72 -15.32
C LYS A 418 1.24 -5.31 -16.27
N PRO A 419 0.83 -4.57 -17.32
CA PRO A 419 -0.26 -5.11 -18.18
C PRO A 419 -0.07 -6.55 -18.74
N ASP A 420 1.17 -6.93 -19.09
CA ASP A 420 1.48 -8.31 -19.51
C ASP A 420 1.28 -9.39 -18.42
N GLY A 421 1.24 -8.98 -17.15
CA GLY A 421 1.04 -9.93 -16.06
C GLY A 421 2.21 -10.07 -15.10
N GLU A 422 3.32 -9.41 -15.39
CA GLU A 422 4.46 -9.46 -14.46
C GLU A 422 4.10 -8.84 -13.09
N PHE A 423 4.41 -9.58 -12.01
CA PHE A 423 4.30 -9.06 -10.64
C PHE A 423 5.66 -8.64 -10.11
N CYS A 424 5.65 -7.65 -9.22
CA CYS A 424 6.84 -7.24 -8.49
C CYS A 424 6.49 -7.19 -7.02
N ALA A 425 7.16 -8.02 -6.24
CA ALA A 425 6.88 -8.08 -4.79
C ALA A 425 8.03 -7.39 -4.03
N ALA A 426 7.68 -6.46 -3.13
CA ALA A 426 8.64 -5.85 -2.21
C ALA A 426 8.56 -6.58 -0.88
N LEU A 427 9.70 -7.14 -0.45
CA LEU A 427 9.75 -7.91 0.81
C LEU A 427 10.71 -7.23 1.77
N SER A 428 10.30 -7.09 3.02
CA SER A 428 11.20 -6.64 4.07
C SER A 428 11.37 -7.77 5.07
N LEU A 429 12.61 -8.24 5.23
CA LEU A 429 12.91 -9.40 6.08
C LEU A 429 14.22 -9.13 6.81
N ARG A 430 14.38 -9.75 7.98
CA ARG A 430 15.70 -9.72 8.64
C ARG A 430 16.71 -10.43 7.73
N ASP A 431 17.98 -10.03 7.84
CA ASP A 431 19.05 -10.46 6.93
C ASP A 431 19.17 -11.99 6.78
N GLU A 432 18.99 -12.68 7.90
CA GLU A 432 19.09 -14.13 8.02
C GLU A 432 18.06 -14.78 7.09
N ASP A 433 16.82 -14.31 7.19
CA ASP A 433 15.73 -14.76 6.33
C ASP A 433 15.95 -14.38 4.86
N MET A 434 16.27 -13.11 4.60
CA MET A 434 16.49 -12.64 3.24
C MET A 434 17.61 -13.41 2.51
N ASP A 435 18.73 -13.61 3.20
CA ASP A 435 19.86 -14.31 2.60
C ASP A 435 19.46 -15.75 2.24
N ARG A 436 18.74 -16.43 3.14
CA ARG A 436 18.30 -17.81 2.89
C ARG A 436 17.30 -17.89 1.75
N LEU A 437 16.36 -16.95 1.73
CA LEU A 437 15.37 -16.89 0.67
C LEU A 437 16.02 -16.75 -0.70
N LYS A 438 16.98 -15.84 -0.81
CA LYS A 438 17.68 -15.58 -2.07
C LYS A 438 18.45 -16.79 -2.60
N ALA A 439 18.87 -17.66 -1.67
CA ALA A 439 19.60 -18.90 -1.99
C ALA A 439 18.71 -20.13 -2.08
N ASP A 440 17.42 -19.97 -1.77
CA ASP A 440 16.48 -21.10 -1.75
C ASP A 440 16.01 -21.49 -3.16
N LYS A 441 16.30 -22.74 -3.56
CA LYS A 441 15.98 -23.20 -4.91
C LYS A 441 14.48 -23.21 -5.26
N GLU A 442 13.62 -23.51 -4.30
CA GLU A 442 12.17 -23.53 -4.57
C GLU A 442 11.64 -22.10 -4.82
N TRP A 443 12.20 -21.16 -4.06
CA TRP A 443 11.93 -19.73 -4.25
C TRP A 443 12.45 -19.18 -5.58
N THR A 444 13.76 -19.38 -5.84
CA THR A 444 14.40 -18.80 -7.00
C THR A 444 13.97 -19.46 -8.31
N LYS A 445 13.25 -20.57 -8.22
CA LYS A 445 12.60 -21.17 -9.39
C LYS A 445 11.65 -20.18 -10.07
N TYR A 446 11.00 -19.34 -9.26
CA TYR A 446 9.95 -18.42 -9.72
C TYR A 446 10.31 -16.96 -9.55
N ALA A 447 11.01 -16.66 -8.45
CA ALA A 447 11.34 -15.28 -8.05
C ALA A 447 12.71 -14.83 -8.54
N GLN A 448 12.72 -13.77 -9.33
CA GLN A 448 13.97 -13.13 -9.73
C GLN A 448 14.30 -12.03 -8.75
N TYR A 449 15.43 -12.14 -8.06
CA TYR A 449 15.89 -11.08 -7.16
C TYR A 449 16.28 -9.84 -7.97
N VAL A 450 15.78 -8.70 -7.52
CA VAL A 450 16.09 -7.41 -8.14
C VAL A 450 16.82 -6.49 -7.14
N GLY A 451 16.30 -6.38 -5.93
CA GLY A 451 16.91 -5.53 -4.89
C GLY A 451 16.19 -4.18 -4.80
MG MG B . -3.10 2.98 24.82
NA NA C . -21.09 11.97 -16.77
N1A COA D . -13.88 -19.36 -11.68
C2A COA D . -12.50 -19.28 -11.62
N3A COA D . -11.91 -18.09 -11.23
C4A COA D . -12.70 -17.00 -10.91
C5A COA D . -14.09 -17.08 -11.00
C6A COA D . -14.70 -18.28 -11.40
N6A COA D . -15.96 -18.28 -11.85
N7A COA D . -14.60 -15.87 -10.65
C8A COA D . -13.57 -15.04 -10.35
N9A COA D . -12.39 -15.74 -10.52
C1B COA D . -11.02 -15.25 -10.32
C2B COA D . -10.59 -14.25 -11.40
O2B COA D . -10.19 -14.90 -12.58
C3B COA D . -9.47 -13.52 -10.69
O3B COA D . -8.30 -14.32 -10.70
P3B COA D . -7.02 -13.94 -11.61
O7A COA D . -7.38 -13.98 -13.08
O8A COA D . -6.57 -12.53 -11.27
O9A COA D . -5.96 -14.97 -11.33
C4B COA D . -9.91 -13.53 -9.24
O4B COA D . -10.84 -14.58 -9.08
C5B COA D . -10.49 -12.21 -8.78
O5B COA D . -10.61 -12.34 -7.39
P1A COA D . -10.51 -11.07 -6.41
O1A COA D . -10.57 -11.56 -4.98
O2A COA D . -11.65 -10.10 -6.72
O3A COA D . -9.11 -10.34 -6.78
P2A COA D . -7.62 -10.78 -6.34
O4A COA D . -6.73 -10.51 -7.54
O5A COA D . -7.58 -12.20 -5.80
O6A COA D . -7.19 -9.78 -5.13
CBP COA D . -7.17 -8.85 -2.87
CCP COA D . -7.47 -10.07 -3.77
CDP COA D . -7.73 -9.20 -1.49
CEP COA D . -5.67 -8.70 -2.76
CAP COA D . -7.80 -7.56 -3.49
OAP COA D . -9.17 -7.73 -3.80
C9P COA D . -7.66 -6.27 -2.69
O9P COA D . -8.70 -5.95 -1.82
N8P COA D . -6.61 -5.46 -2.86
C7P COA D . -5.94 -4.78 -1.75
C6P COA D . -6.42 -3.33 -1.57
C5P COA D . -5.41 -2.46 -0.88
O5P COA D . -4.33 -2.95 -0.54
N4P COA D . -5.73 -1.16 -0.70
C13 B2S E . 0.26 -3.84 5.71
O2 B2S E . -1.15 -3.66 5.27
C12 B2S E . -0.33 -2.46 5.47
C5 B2S E . -0.77 -1.48 6.57
C14 B2S E . -1.54 -2.14 7.73
C4 B2S E . -1.73 -0.59 5.70
C3 B2S E . -1.35 -0.89 4.21
O3 B2S E . -1.13 0.33 3.45
C2 B2S E . -0.03 -1.65 4.26
O1 B2S E . 1.06 -0.67 4.45
C11 B2S E . 1.39 -0.26 5.85
C10 B2S E . 2.37 0.77 5.96
C9 B2S E . 3.17 0.56 7.09
C16 B2S E . 4.33 1.51 7.40
C8 B2S E . 2.86 -0.52 7.95
O5 B2S E . 3.54 -0.72 8.97
C7 B2S E . 1.65 -1.48 7.63
O4 B2S E . 1.23 -2.28 8.74
C6 B2S E . 0.47 -0.65 7.05
C15 B2S E . 0.08 0.51 7.98
O6 B2S E . 0.92 0.40 9.16
S1 MPO F . -10.34 19.33 -15.68
O1 MPO F . -10.25 18.40 -16.73
O2 MPO F . -8.97 19.62 -15.19
O4 MPO F . -17.44 17.92 -14.35
N1 MPO F . -14.92 18.42 -14.93
C1 MPO F . -11.32 18.63 -14.29
O3 MPO F . -10.97 20.61 -16.17
C2 MPO F . -12.72 19.24 -14.15
C3 MPO F . -13.60 18.91 -15.35
C4 MPO F . -15.41 19.19 -13.75
C5 MPO F . -16.83 18.76 -13.34
C6 MPO F . -17.29 18.43 -15.70
C7 MPO F . -15.82 18.52 -16.10
#